data_9PCT
#
_entry.id   9PCT
#
_cell.length_a   58.820
_cell.length_b   58.820
_cell.length_c   135.340
_cell.angle_alpha   90.000
_cell.angle_beta   90.000
_cell.angle_gamma   90.000
#
_symmetry.space_group_name_H-M   'P 41 21 2'
#
loop_
_entity.id
_entity.type
_entity.pdbx_description
1 polymer Trypsin
2 branched beta-D-fructofuranose-(2-1)-alpha-D-glucopyranose
3 branched alpha-D-glucopyranose-(1-2)-beta-D-fructofuranose
4 non-polymer 'CALCIUM ION'
5 non-polymer BENZAMIDINE
6 non-polymer 'CITRATE ANION'
7 non-polymer 'TETRAETHYLENE GLYCOL'
8 non-polymer DI(HYDROXYETHYL)ETHER
9 non-polymer GLYCEROL
10 non-polymer 1-METHOXY-2-[2-(2-METHOXY-ETHOXY]-ETHANE
11 non-polymer D-MALATE
12 non-polymer 1-(2-METHOXY-ETHOXY)-2-{2-[2-(2-METHOXY-ETHOXY]-ETHOXY}-ETHANE
13 non-polymer '4-(2-HYDROXYETHYL)-1-PIPERAZINE ETHANESULFONIC ACID'
14 non-polymer 'ACETATE ION'
15 non-polymer 'PHOSPHATE ION'
16 non-polymer 'D(-)-TARTARIC ACID'
17 water water
#
_entity_poly.entity_id   1
_entity_poly.type   'polypeptide(L)'
_entity_poly.pdbx_seq_one_letter_code
;FPTDDDDKIVGGYTCAANSIPYQVSLNSGSHFCGGSLINSQWVVSAAHCYKSRIQVRLGEHNIDVLEGNEQFINAAKIIT
HPNFNGNTLDNDIMLIKLSSPATLNSRVATVSLPRSCAAAGTECLISGWGNTKSSGSSYPSLLQCLKAPVLSDSSCKSSY
PGQITGNMICVGFLEGGKDSCQGDSGGPVVCNGQLQGIVSWGYGCAQKNKPGVYTKVCNYVNWIQQTIAAN
;
_entity_poly.pdbx_strand_id   A
#
# COMPACT_ATOMS: atom_id res chain seq x y z
N ILE A 9 2.28 9.04 6.06
CA ILE A 9 2.03 10.05 5.04
C ILE A 9 2.49 11.42 5.55
N VAL A 10 3.45 12.03 4.85
CA VAL A 10 3.93 13.37 5.17
C VAL A 10 3.21 14.35 4.27
N GLY A 11 2.68 15.41 4.86
CA GLY A 11 2.05 16.47 4.12
C GLY A 11 0.69 16.15 3.56
N GLY A 12 0.04 15.12 4.08
CA GLY A 12 -1.29 14.77 3.64
C GLY A 12 -2.36 15.40 4.52
N TYR A 13 -3.54 14.79 4.49
CA TYR A 13 -4.68 15.25 5.27
C TYR A 13 -5.36 14.03 5.86
N THR A 14 -6.11 14.25 6.93
CA THR A 14 -6.85 13.14 7.53
C THR A 14 -8.02 12.75 6.63
N CYS A 15 -8.04 11.48 6.22
CA CYS A 15 -9.13 10.99 5.39
C CYS A 15 -10.44 11.03 6.17
N ALA A 16 -11.54 11.27 5.46
CA ALA A 16 -12.84 11.11 6.06
C ALA A 16 -13.02 9.68 6.56
N ALA A 17 -13.67 9.53 7.71
CA ALA A 17 -13.81 8.22 8.34
C ALA A 17 -14.41 7.21 7.37
N ASN A 18 -13.71 6.09 7.19
CA ASN A 18 -14.19 4.96 6.42
C ASN A 18 -14.41 5.31 4.94
N SER A 19 -13.73 6.36 4.43
CA SER A 19 -13.85 6.76 3.04
C SER A 19 -12.89 6.00 2.12
N ILE A 20 -11.95 5.24 2.69
CA ILE A 20 -11.00 4.42 1.94
C ILE A 20 -11.28 2.99 2.37
N PRO A 21 -12.40 2.40 1.94
CA PRO A 21 -12.88 1.15 2.58
C PRO A 21 -12.04 -0.09 2.26
N TYR A 22 -11.16 -0.01 1.26
CA TYR A 22 -10.27 -1.10 0.87
C TYR A 22 -8.94 -1.07 1.65
N GLN A 23 -8.67 -0.03 2.44
CA GLN A 23 -7.44 0.05 3.21
C GLN A 23 -7.47 -0.90 4.38
N VAL A 24 -6.40 -1.70 4.55
CA VAL A 24 -6.26 -2.48 5.76
C VAL A 24 -4.99 -2.11 6.52
N SER A 25 -4.95 -2.49 7.79
CA SER A 25 -3.77 -2.39 8.62
C SER A 25 -3.28 -3.80 8.90
N LEU A 26 -1.97 -4.01 8.71
CA LEU A 26 -1.32 -5.25 9.07
C LEU A 26 -0.71 -5.08 10.45
N ASN A 27 -1.00 -6.01 11.34
CA ASN A 27 -0.70 -5.86 12.76
C ASN A 27 -0.07 -7.16 13.23
N SER A 28 1.07 -7.05 13.89
CA SER A 28 1.76 -8.20 14.47
CA SER A 28 1.72 -8.22 14.49
C SER A 28 2.01 -7.96 15.96
N GLY A 29 1.13 -7.17 16.60
CA GLY A 29 1.30 -6.69 17.95
C GLY A 29 1.09 -5.20 17.95
N SER A 30 1.54 -4.56 16.87
CA SER A 30 1.27 -3.16 16.58
C SER A 30 1.11 -3.04 15.07
N HIS A 31 0.54 -1.92 14.63
CA HIS A 31 0.50 -1.63 13.20
C HIS A 31 1.92 -1.54 12.64
N PHE A 32 2.17 -2.21 11.52
CA PHE A 32 3.50 -2.09 10.91
C PHE A 32 3.45 -1.93 9.39
N CYS A 33 2.36 -2.20 8.73
CA CYS A 33 2.30 -1.99 7.29
C CYS A 33 0.83 -1.87 6.89
N GLY A 34 0.60 -1.36 5.68
CA GLY A 34 -0.71 -1.33 5.09
C GLY A 34 -0.89 -2.45 4.08
N GLY A 35 -2.10 -2.47 3.53
CA GLY A 35 -2.46 -3.38 2.47
C GLY A 35 -3.78 -2.93 1.87
N SER A 36 -4.21 -3.65 0.84
CA SER A 36 -5.47 -3.38 0.16
C SER A 36 -6.27 -4.66 0.02
N LEU A 37 -7.57 -4.58 0.24
CA LEU A 37 -8.47 -5.71 0.08
C LEU A 37 -8.91 -5.78 -1.39
N ILE A 38 -8.62 -6.90 -2.06
CA ILE A 38 -8.97 -7.04 -3.47
C ILE A 38 -10.07 -8.07 -3.70
N ASN A 39 -10.35 -8.91 -2.71
N ASN A 39 -10.34 -8.95 -2.76
CA ASN A 39 -11.27 -10.03 -2.71
CA ASN A 39 -11.56 -9.75 -2.78
C ASN A 39 -11.83 -10.07 -1.30
C ASN A 39 -11.82 -10.13 -1.35
N SER A 40 -12.96 -10.75 -1.10
CA SER A 40 -13.42 -10.92 0.28
C SER A 40 -12.44 -11.75 1.10
N GLN A 41 -11.51 -12.48 0.46
CA GLN A 41 -10.58 -13.32 1.22
C GLN A 41 -9.11 -13.01 0.99
N TRP A 42 -8.77 -11.97 0.22
CA TRP A 42 -7.38 -11.74 -0.14
C TRP A 42 -7.01 -10.26 -0.05
N VAL A 43 -5.82 -10.03 0.49
CA VAL A 43 -5.22 -8.70 0.64
C VAL A 43 -3.91 -8.70 -0.13
N VAL A 44 -3.59 -7.58 -0.77
CA VAL A 44 -2.30 -7.40 -1.40
CA VAL A 44 -2.32 -7.33 -1.45
C VAL A 44 -1.50 -6.38 -0.61
N SER A 45 -0.21 -6.65 -0.47
CA SER A 45 0.69 -5.80 0.31
C SER A 45 2.08 -5.90 -0.31
N ALA A 46 3.10 -5.45 0.42
CA ALA A 46 4.47 -5.45 -0.03
C ALA A 46 5.19 -6.64 0.59
N ALA A 47 6.02 -7.32 -0.21
CA ALA A 47 6.74 -8.49 0.29
C ALA A 47 7.68 -8.11 1.43
N HIS A 48 8.23 -6.88 1.42
CA HIS A 48 9.14 -6.53 2.51
C HIS A 48 8.41 -6.34 3.82
N CYS A 49 7.08 -6.39 3.83
CA CYS A 49 6.26 -6.41 5.04
C CYS A 49 6.03 -7.83 5.56
N TYR A 50 6.68 -8.83 4.97
CA TYR A 50 6.48 -10.21 5.40
C TYR A 50 6.79 -10.39 6.88
N LYS A 51 5.89 -11.09 7.59
CA LYS A 51 6.14 -11.65 8.90
C LYS A 51 5.41 -12.98 8.95
N SER A 52 5.83 -13.88 9.85
CA SER A 52 5.26 -15.22 9.86
C SER A 52 3.85 -15.25 10.45
N ARG A 53 3.49 -14.28 11.29
CA ARG A 53 2.14 -14.17 11.82
C ARG A 53 1.68 -12.74 11.60
N ILE A 54 0.52 -12.58 10.96
CA ILE A 54 -0.05 -11.27 10.66
C ILE A 54 -1.54 -11.36 10.95
N GLN A 55 -2.05 -10.32 11.62
CA GLN A 55 -3.48 -10.08 11.74
C GLN A 55 -3.85 -8.90 10.88
N VAL A 56 -4.90 -9.07 10.10
CA VAL A 56 -5.39 -8.03 9.21
C VAL A 56 -6.53 -7.33 9.90
N ARG A 57 -6.51 -6.01 9.89
CA ARG A 57 -7.57 -5.22 10.50
C ARG A 57 -8.25 -4.42 9.42
N LEU A 58 -9.54 -4.69 9.23
CA LEU A 58 -10.36 -4.04 8.22
C LEU A 58 -11.34 -3.11 8.90
N GLY A 59 -11.79 -2.11 8.17
CA GLY A 59 -12.75 -1.14 8.69
C GLY A 59 -12.22 -0.18 9.72
N GLU A 60 -10.91 0.03 9.75
CA GLU A 60 -10.29 0.90 10.74
C GLU A 60 -10.30 2.35 10.28
N HIS A 61 -10.41 3.25 11.25
CA HIS A 61 -10.11 4.65 11.02
C HIS A 61 -9.08 5.10 12.05
N ASN A 62 -9.45 4.98 13.34
CA ASN A 62 -8.58 5.30 14.45
C ASN A 62 -8.01 3.97 14.95
N ILE A 63 -6.75 3.72 14.64
CA ILE A 63 -6.20 2.40 14.97
C ILE A 63 -5.94 2.23 16.45
N ASP A 64 -6.08 3.30 17.24
CA ASP A 64 -5.83 3.26 18.67
C ASP A 64 -7.09 3.17 19.52
N VAL A 65 -8.27 3.09 18.90
CA VAL A 65 -9.54 3.03 19.63
C VAL A 65 -10.41 1.99 18.96
N LEU A 66 -11.04 1.13 19.76
CA LEU A 66 -12.03 0.20 19.24
C LEU A 66 -13.32 0.98 18.99
N GLU A 67 -13.65 1.14 17.71
N GLU A 67 -13.67 1.19 17.72
CA GLU A 67 -14.74 2.00 17.26
CA GLU A 67 -14.81 2.04 17.40
C GLU A 67 -16.04 1.24 17.10
C GLU A 67 -16.02 1.29 16.85
N GLY A 68 -15.99 -0.05 16.78
CA GLY A 68 -17.17 -0.84 16.51
C GLY A 68 -17.32 -1.32 15.08
N ASN A 69 -16.60 -0.76 14.12
CA ASN A 69 -16.73 -1.17 12.74
C ASN A 69 -15.64 -2.12 12.27
N GLU A 70 -14.72 -2.48 13.15
CA GLU A 70 -13.54 -3.19 12.72
C GLU A 70 -13.80 -4.67 12.60
N GLN A 71 -13.07 -5.31 11.69
CA GLN A 71 -12.96 -6.76 11.63
C GLN A 71 -11.49 -7.13 11.77
N PHE A 72 -11.21 -8.06 12.68
CA PHE A 72 -9.87 -8.55 12.95
C PHE A 72 -9.83 -9.99 12.45
N ILE A 73 -8.99 -10.26 11.46
CA ILE A 73 -8.94 -11.57 10.82
C ILE A 73 -7.49 -11.98 10.65
N ASN A 74 -7.13 -13.14 11.19
CA ASN A 74 -5.76 -13.61 11.06
C ASN A 74 -5.48 -14.12 9.65
N ALA A 75 -4.24 -13.97 9.24
CA ALA A 75 -3.82 -14.48 7.95
C ALA A 75 -3.72 -15.99 8.03
N ALA A 76 -4.19 -16.65 6.97
CA ALA A 76 -4.07 -18.09 6.83
C ALA A 76 -2.91 -18.51 5.93
N LYS A 77 -2.63 -17.76 4.88
CA LYS A 77 -1.53 -18.02 3.97
C LYS A 77 -0.90 -16.69 3.65
N ILE A 78 0.41 -16.67 3.54
CA ILE A 78 1.15 -15.46 3.20
C ILE A 78 2.11 -15.86 2.09
N ILE A 79 1.95 -15.25 0.93
CA ILE A 79 2.61 -15.68 -0.29
C ILE A 79 3.37 -14.49 -0.88
N THR A 80 4.70 -14.54 -0.84
CA THR A 80 5.49 -13.46 -1.41
C THR A 80 5.81 -13.82 -2.86
N HIS A 81 6.05 -12.79 -3.66
CA HIS A 81 6.37 -13.02 -5.07
C HIS A 81 7.62 -13.90 -5.15
N PRO A 82 7.64 -14.94 -6.00
CA PRO A 82 8.82 -15.82 -6.05
C PRO A 82 10.10 -15.12 -6.45
N ASN A 83 10.03 -13.95 -7.12
CA ASN A 83 11.22 -13.25 -7.56
C ASN A 83 11.51 -11.99 -6.72
N PHE A 84 10.87 -11.86 -5.56
CA PHE A 84 11.17 -10.75 -4.67
C PHE A 84 12.65 -10.74 -4.34
N ASN A 85 13.26 -9.56 -4.44
CA ASN A 85 14.66 -9.35 -4.09
C ASN A 85 14.70 -8.43 -2.89
N GLY A 86 15.13 -8.99 -1.75
CA GLY A 86 15.17 -8.23 -0.52
C GLY A 86 16.23 -7.15 -0.47
N ASN A 87 17.12 -7.09 -1.44
CA ASN A 87 18.12 -6.03 -1.49
C ASN A 87 17.67 -4.87 -2.36
N THR A 88 17.16 -5.14 -3.55
CA THR A 88 16.74 -4.09 -4.46
C THR A 88 15.26 -3.77 -4.32
N LEU A 89 14.49 -4.63 -3.66
CA LEU A 89 13.04 -4.52 -3.54
C LEU A 89 12.31 -4.70 -4.87
N ASP A 90 12.98 -5.24 -5.89
CA ASP A 90 12.28 -5.62 -7.10
C ASP A 90 11.22 -6.69 -6.77
N ASN A 91 10.07 -6.58 -7.42
CA ASN A 91 8.94 -7.50 -7.18
C ASN A 91 8.45 -7.46 -5.73
N ASP A 92 8.28 -6.25 -5.21
CA ASP A 92 7.90 -6.04 -3.81
C ASP A 92 6.37 -6.14 -3.70
N ILE A 93 5.89 -7.38 -3.71
CA ILE A 93 4.46 -7.65 -3.69
C ILE A 93 4.23 -8.99 -2.99
N MET A 94 3.16 -9.05 -2.22
CA MET A 94 2.79 -10.22 -1.43
CA MET A 94 2.78 -10.29 -1.57
C MET A 94 1.28 -10.32 -1.38
N LEU A 95 0.77 -11.54 -1.31
CA LEU A 95 -0.65 -11.81 -1.12
C LEU A 95 -0.89 -12.50 0.23
N ILE A 96 -1.96 -12.07 0.91
CA ILE A 96 -2.40 -12.62 2.18
C ILE A 96 -3.80 -13.19 2.00
N LYS A 97 -3.95 -14.48 2.28
CA LYS A 97 -5.28 -15.09 2.30
C LYS A 97 -5.80 -15.03 3.73
N LEU A 98 -7.00 -14.51 3.90
CA LEU A 98 -7.59 -14.40 5.22
C LEU A 98 -8.14 -15.75 5.68
N SER A 99 -8.12 -15.95 7.00
CA SER A 99 -8.59 -17.21 7.55
C SER A 99 -10.11 -17.37 7.38
N SER A 100 -10.86 -16.28 7.35
CA SER A 100 -12.28 -16.29 7.02
C SER A 100 -12.54 -15.10 6.13
N PRO A 101 -13.59 -15.13 5.32
CA PRO A 101 -13.88 -14.00 4.44
C PRO A 101 -14.29 -12.78 5.24
N ALA A 102 -13.89 -11.61 4.74
CA ALA A 102 -14.37 -10.36 5.30
C ALA A 102 -15.83 -10.15 4.95
N THR A 103 -16.55 -9.47 5.83
CA THR A 103 -17.92 -9.06 5.58
C THR A 103 -17.87 -7.72 4.88
N LEU A 104 -18.38 -7.67 3.65
CA LEU A 104 -18.32 -6.45 2.86
C LEU A 104 -19.56 -5.61 3.15
N ASN A 105 -19.34 -4.32 3.40
CA ASN A 105 -20.39 -3.38 3.81
C ASN A 105 -19.93 -1.97 3.40
N SER A 106 -20.54 -0.93 3.98
CA SER A 106 -20.17 0.42 3.57
C SER A 106 -18.73 0.76 3.96
N ARG A 107 -18.22 0.15 5.03
CA ARG A 107 -16.92 0.50 5.56
C ARG A 107 -15.82 -0.45 5.12
N VAL A 108 -16.16 -1.58 4.50
CA VAL A 108 -15.19 -2.56 4.06
C VAL A 108 -15.57 -2.98 2.65
N ALA A 109 -14.70 -2.70 1.68
CA ALA A 109 -15.03 -2.94 0.30
C ALA A 109 -13.73 -3.27 -0.44
N THR A 110 -13.86 -3.82 -1.64
CA THR A 110 -12.67 -4.16 -2.42
C THR A 110 -12.30 -3.03 -3.39
N VAL A 111 -11.05 -3.08 -3.84
CA VAL A 111 -10.54 -2.20 -4.88
C VAL A 111 -10.22 -3.05 -6.11
N SER A 112 -10.46 -2.47 -7.28
CA SER A 112 -10.27 -3.16 -8.54
C SER A 112 -8.79 -3.26 -8.92
N LEU A 113 -8.42 -4.37 -9.53
CA LEU A 113 -7.11 -4.46 -10.15
C LEU A 113 -7.08 -3.67 -11.45
N PRO A 114 -5.89 -3.25 -11.89
CA PRO A 114 -5.80 -2.38 -13.06
C PRO A 114 -6.11 -3.11 -14.34
N ARG A 115 -6.76 -2.38 -15.24
CA ARG A 115 -7.04 -2.82 -16.59
C ARG A 115 -5.93 -2.46 -17.57
N SER A 116 -5.06 -1.52 -17.23
CA SER A 116 -3.93 -1.07 -18.03
C SER A 116 -3.04 -0.35 -17.06
N CYS A 117 -1.82 -0.04 -17.48
CA CYS A 117 -0.93 0.71 -16.60
C CYS A 117 -1.25 2.19 -16.67
N ALA A 118 -1.03 2.88 -15.54
CA ALA A 118 -1.33 4.30 -15.47
C ALA A 118 -0.28 5.12 -16.22
N ALA A 119 -0.74 6.17 -16.90
CA ALA A 119 0.16 7.06 -17.59
C ALA A 119 0.71 8.12 -16.65
N ALA A 120 1.91 8.61 -16.97
CA ALA A 120 2.47 9.73 -16.23
C ALA A 120 1.50 10.90 -16.22
N GLY A 121 1.37 11.54 -15.07
CA GLY A 121 0.46 12.64 -14.89
C GLY A 121 -0.88 12.25 -14.29
N THR A 122 -1.20 10.96 -14.26
CA THR A 122 -2.45 10.51 -13.65
C THR A 122 -2.40 10.81 -12.15
N GLU A 123 -3.48 11.38 -11.62
CA GLU A 123 -3.57 11.69 -10.21
C GLU A 123 -4.09 10.47 -9.45
N CYS A 124 -3.48 10.19 -8.31
CA CYS A 124 -3.82 9.02 -7.53
C CYS A 124 -3.98 9.39 -6.07
N LEU A 125 -4.57 8.46 -5.32
CA LEU A 125 -4.77 8.64 -3.88
C LEU A 125 -3.95 7.60 -3.15
N ILE A 126 -3.11 8.06 -2.22
CA ILE A 126 -2.24 7.22 -1.40
C ILE A 126 -2.74 7.39 0.04
N SER A 127 -2.74 6.29 0.80
CA SER A 127 -3.27 6.33 2.16
C SER A 127 -2.49 5.42 3.08
N GLY A 128 -2.50 5.77 4.37
CA GLY A 128 -1.86 4.93 5.37
C GLY A 128 -1.73 5.59 6.73
N TRP A 129 -1.25 4.76 7.67
CA TRP A 129 -0.98 5.17 9.04
C TRP A 129 0.52 5.30 9.31
N GLY A 130 1.32 5.56 8.29
CA GLY A 130 2.74 5.73 8.47
C GLY A 130 3.15 7.09 9.05
N ASN A 131 4.46 7.27 9.19
CA ASN A 131 5.00 8.48 9.79
C ASN A 131 4.51 9.72 9.07
N THR A 132 4.17 10.74 9.85
CA THR A 132 3.75 12.01 9.29
C THR A 132 4.84 13.08 9.34
N LYS A 133 5.97 12.82 10.00
CA LYS A 133 7.16 13.66 9.97
C LYS A 133 8.29 12.90 9.27
N SER A 134 9.06 13.61 8.43
CA SER A 134 10.02 12.93 7.56
C SER A 134 11.14 12.26 8.35
N SER A 135 11.63 12.90 9.41
CA SER A 135 12.69 12.33 10.23
C SER A 135 12.20 11.91 11.61
N GLY A 136 11.13 12.52 12.10
CA GLY A 136 10.65 12.22 13.42
C GLY A 136 10.04 10.85 13.50
N SER A 137 9.41 10.59 14.64
CA SER A 137 8.58 9.41 14.87
C SER A 137 7.27 10.01 15.37
N SER A 138 6.35 10.30 14.45
CA SER A 138 5.02 10.83 14.79
C SER A 138 3.99 9.99 14.02
N TYR A 139 3.57 8.88 14.61
CA TYR A 139 2.69 7.94 13.94
C TYR A 139 1.24 8.23 14.28
N PRO A 140 0.39 8.44 13.30
CA PRO A 140 -0.96 8.93 13.56
C PRO A 140 -1.88 7.82 14.04
N SER A 141 -2.95 8.25 14.74
CA SER A 141 -4.05 7.35 15.02
C SER A 141 -5.01 7.27 13.84
N LEU A 142 -5.25 8.40 13.16
CA LEU A 142 -6.26 8.47 12.10
C LEU A 142 -5.63 8.31 10.72
N LEU A 143 -6.32 7.57 9.86
CA LEU A 143 -5.81 7.29 8.52
C LEU A 143 -5.56 8.60 7.76
N GLN A 144 -4.41 8.68 7.11
CA GLN A 144 -4.01 9.84 6.32
C GLN A 144 -4.12 9.57 4.83
N CYS A 145 -4.36 10.64 4.09
CA CYS A 145 -4.59 10.60 2.65
C CYS A 145 -3.69 11.61 1.95
N LEU A 146 -3.33 11.29 0.71
CA LEU A 146 -2.49 12.18 -0.09
C LEU A 146 -2.83 11.98 -1.56
N LYS A 147 -3.05 13.08 -2.28
CA LYS A 147 -3.21 13.03 -3.73
C LYS A 147 -1.89 13.38 -4.39
N ALA A 148 -1.48 12.56 -5.35
CA ALA A 148 -0.18 12.77 -5.99
C ALA A 148 -0.21 12.15 -7.36
N PRO A 149 0.59 12.65 -8.30
CA PRO A 149 0.60 12.11 -9.64
C PRO A 149 1.72 11.09 -9.88
N VAL A 150 1.44 10.20 -10.83
CA VAL A 150 2.46 9.32 -11.38
C VAL A 150 3.48 10.16 -12.15
N LEU A 151 4.76 9.88 -11.93
CA LEU A 151 5.82 10.60 -12.61
C LEU A 151 6.32 9.78 -13.79
N SER A 152 6.95 10.47 -14.73
CA SER A 152 7.49 9.79 -15.89
C SER A 152 8.64 8.87 -15.48
N ASP A 153 8.91 7.88 -16.33
CA ASP A 153 10.00 6.96 -16.08
C ASP A 153 11.32 7.70 -16.03
N SER A 154 11.52 8.67 -16.93
CA SER A 154 12.75 9.44 -16.93
C SER A 154 12.95 10.22 -15.64
N SER A 155 11.88 10.83 -15.10
CA SER A 155 12.04 11.56 -13.85
C SER A 155 12.36 10.61 -12.70
N CYS A 156 11.71 9.45 -12.68
CA CYS A 156 11.95 8.46 -11.63
C CYS A 156 13.39 7.99 -11.67
N LYS A 157 13.90 7.68 -12.86
CA LYS A 157 15.26 7.17 -12.96
C LYS A 157 16.31 8.26 -12.73
N SER A 158 15.98 9.53 -13.06
CA SER A 158 16.90 10.64 -12.79
C SER A 158 17.06 10.84 -11.29
N SER A 159 15.98 10.59 -10.53
CA SER A 159 15.99 10.74 -9.08
C SER A 159 16.73 9.59 -8.40
N TYR A 160 16.71 8.40 -8.97
CA TYR A 160 17.26 7.19 -8.35
C TYR A 160 18.10 6.43 -9.37
N PRO A 161 19.23 7.01 -9.77
CA PRO A 161 20.01 6.37 -10.84
C PRO A 161 20.39 4.94 -10.50
N GLY A 162 20.12 4.05 -11.45
CA GLY A 162 20.47 2.65 -11.35
C GLY A 162 19.67 1.85 -10.34
N GLN A 163 18.58 2.40 -9.82
CA GLN A 163 17.81 1.70 -8.81
C GLN A 163 16.39 1.36 -9.21
N ILE A 164 15.91 1.83 -10.36
CA ILE A 164 14.52 1.67 -10.76
C ILE A 164 14.45 0.57 -11.79
N THR A 165 13.68 -0.49 -11.49
CA THR A 165 13.46 -1.55 -12.45
C THR A 165 12.15 -1.29 -13.18
N GLY A 166 11.83 -2.17 -14.14
CA GLY A 166 10.58 -2.14 -14.88
C GLY A 166 9.36 -2.42 -14.04
N ASN A 167 9.55 -2.83 -12.79
CA ASN A 167 8.44 -3.17 -11.90
C ASN A 167 8.20 -2.08 -10.86
N MET A 168 8.74 -0.89 -11.09
CA MET A 168 8.62 0.22 -10.16
C MET A 168 8.17 1.47 -10.90
N ILE A 169 7.32 2.26 -10.22
CA ILE A 169 6.93 3.59 -10.66
C ILE A 169 7.17 4.58 -9.52
N CYS A 170 7.42 5.83 -9.89
CA CYS A 170 7.51 6.92 -8.92
C CYS A 170 6.18 7.67 -8.94
N VAL A 171 5.71 8.04 -7.76
CA VAL A 171 4.49 8.82 -7.59
C VAL A 171 4.83 9.88 -6.56
N GLY A 172 4.51 11.13 -6.85
CA GLY A 172 4.82 12.16 -5.88
C GLY A 172 5.22 13.49 -6.47
N PHE A 173 6.10 14.20 -5.78
CA PHE A 173 6.44 15.58 -6.09
C PHE A 173 7.95 15.75 -6.04
N LEU A 174 8.55 16.22 -7.13
CA LEU A 174 9.99 16.41 -7.13
C LEU A 174 10.41 17.54 -6.18
N GLU A 175 9.51 18.44 -5.84
CA GLU A 175 9.98 19.45 -4.93
C GLU A 175 9.89 19.02 -3.48
N GLY A 176 9.44 17.79 -3.22
CA GLY A 176 9.39 17.31 -1.86
C GLY A 176 8.14 17.73 -1.13
N GLY A 177 8.15 17.53 0.21
CA GLY A 177 7.13 18.01 1.12
C GLY A 177 5.90 17.14 1.29
N LYS A 178 5.64 16.24 0.34
CA LYS A 178 4.46 15.39 0.36
C LYS A 178 4.88 14.02 -0.15
N ASP A 179 4.64 12.97 0.64
CA ASP A 179 5.18 11.66 0.29
C ASP A 179 4.60 10.64 1.26
N SER A 180 4.70 9.38 0.88
CA SER A 180 4.48 8.32 1.86
C SER A 180 5.75 8.12 2.70
N CYS A 181 5.70 7.25 3.70
CA CYS A 181 6.81 7.09 4.63
C CYS A 181 6.71 5.75 5.35
N GLN A 182 7.70 5.50 6.21
CA GLN A 182 7.71 4.30 7.05
C GLN A 182 6.37 4.09 7.71
N GLY A 183 5.83 2.87 7.62
CA GLY A 183 4.52 2.65 8.17
C GLY A 183 3.41 2.57 7.15
N ASP A 184 3.62 3.24 6.01
CA ASP A 184 2.70 3.22 4.90
C ASP A 184 2.95 2.07 3.94
N SER A 185 4.13 1.46 4.02
CA SER A 185 4.53 0.39 3.12
C SER A 185 3.45 -0.67 3.02
N GLY A 186 3.28 -1.19 1.81
CA GLY A 186 2.28 -2.17 1.52
C GLY A 186 0.92 -1.60 1.19
N GLY A 187 0.70 -0.31 1.43
CA GLY A 187 -0.58 0.30 1.23
C GLY A 187 -0.82 0.69 -0.21
N PRO A 188 -2.04 1.17 -0.45
CA PRO A 188 -2.52 1.38 -1.82
C PRO A 188 -2.19 2.73 -2.44
N VAL A 189 -2.00 2.69 -3.76
CA VAL A 189 -2.02 3.88 -4.62
C VAL A 189 -3.13 3.59 -5.63
N VAL A 190 -4.22 4.34 -5.56
CA VAL A 190 -5.41 4.06 -6.37
C VAL A 190 -5.64 5.22 -7.31
N CYS A 191 -5.80 4.92 -8.60
CA CYS A 191 -5.93 5.96 -9.62
C CYS A 191 -7.13 5.59 -10.48
N ASN A 192 -8.09 6.50 -10.59
CA ASN A 192 -9.29 6.23 -11.37
C ASN A 192 -9.91 4.89 -10.96
N GLY A 193 -9.97 4.65 -9.66
CA GLY A 193 -10.64 3.47 -9.15
C GLY A 193 -9.86 2.18 -9.22
N GLN A 194 -8.62 2.20 -9.67
CA GLN A 194 -7.86 0.97 -9.84
C GLN A 194 -6.57 1.02 -9.05
N LEU A 195 -6.17 -0.12 -8.52
CA LEU A 195 -4.95 -0.21 -7.73
C LEU A 195 -3.76 -0.24 -8.67
N GLN A 196 -3.00 0.86 -8.72
CA GLN A 196 -1.84 0.91 -9.61
C GLN A 196 -0.51 0.79 -8.90
N GLY A 197 -0.45 1.03 -7.59
CA GLY A 197 0.80 0.97 -6.88
C GLY A 197 0.65 0.40 -5.49
N ILE A 198 1.78 -0.09 -4.98
CA ILE A 198 1.94 -0.51 -3.60
C ILE A 198 3.09 0.28 -3.00
N VAL A 199 2.87 0.91 -1.84
CA VAL A 199 3.93 1.69 -1.20
C VAL A 199 5.13 0.77 -0.96
N SER A 200 6.30 1.13 -1.48
CA SER A 200 7.47 0.24 -1.42
C SER A 200 8.67 0.90 -0.74
N TRP A 201 9.26 1.96 -1.29
CA TRP A 201 10.47 2.53 -0.67
C TRP A 201 10.69 3.95 -1.17
N GLY A 202 11.75 4.57 -0.67
CA GLY A 202 12.17 5.90 -1.11
C GLY A 202 13.34 6.29 -0.24
N TYR A 203 14.03 7.36 -0.65
CA TYR A 203 15.15 7.87 0.16
C TYR A 203 14.65 8.89 1.18
N GLY A 204 14.73 8.55 2.47
CA GLY A 204 14.02 9.36 3.44
C GLY A 204 12.54 9.41 3.13
N CYS A 205 11.92 10.54 3.48
CA CYS A 205 10.51 10.77 3.19
C CYS A 205 10.34 12.24 2.86
N ALA A 206 9.68 12.50 1.75
CA ALA A 206 9.32 13.87 1.33
C ALA A 206 10.55 14.72 1.05
N GLN A 207 11.66 14.11 0.67
CA GLN A 207 12.82 14.91 0.33
C GLN A 207 12.72 15.42 -1.11
N LYS A 208 13.32 16.58 -1.34
CA LYS A 208 13.45 17.12 -2.68
C LYS A 208 14.16 16.12 -3.60
N ASN A 209 13.58 15.92 -4.78
CA ASN A 209 14.13 15.08 -5.83
C ASN A 209 14.22 13.61 -5.43
N LYS A 210 13.44 13.19 -4.45
CA LYS A 210 13.40 11.79 -4.01
C LYS A 210 11.94 11.40 -3.81
N PRO A 211 11.18 11.29 -4.90
CA PRO A 211 9.76 10.90 -4.76
C PRO A 211 9.65 9.46 -4.27
N GLY A 212 8.45 9.09 -3.84
CA GLY A 212 8.22 7.72 -3.44
C GLY A 212 8.29 6.76 -4.60
N VAL A 213 8.75 5.53 -4.31
CA VAL A 213 8.82 4.46 -5.30
C VAL A 213 7.81 3.39 -4.93
N TYR A 214 7.07 2.92 -5.92
CA TYR A 214 5.93 2.03 -5.71
C TYR A 214 6.01 0.82 -6.62
N THR A 215 5.53 -0.31 -6.12
CA THR A 215 5.45 -1.50 -6.98
C THR A 215 4.41 -1.26 -8.06
N LYS A 216 4.76 -1.61 -9.30
CA LYS A 216 3.92 -1.36 -10.47
C LYS A 216 2.92 -2.51 -10.61
N VAL A 217 1.74 -2.34 -10.01
CA VAL A 217 0.79 -3.46 -9.90
C VAL A 217 0.34 -3.98 -11.26
N CYS A 218 0.29 -3.12 -12.29
CA CYS A 218 -0.22 -3.59 -13.56
C CYS A 218 0.64 -4.71 -14.15
N ASN A 219 1.89 -4.86 -13.72
CA ASN A 219 2.73 -5.94 -14.20
C ASN A 219 2.37 -7.30 -13.58
N TYR A 220 1.53 -7.32 -12.54
CA TYR A 220 1.30 -8.51 -11.73
C TYR A 220 -0.12 -9.05 -11.76
N VAL A 221 -1.01 -8.52 -12.61
CA VAL A 221 -2.41 -8.96 -12.57
C VAL A 221 -2.55 -10.45 -12.81
N ASN A 222 -1.84 -11.00 -13.80
CA ASN A 222 -1.99 -12.44 -14.05
C ASN A 222 -1.47 -13.25 -12.87
N TRP A 223 -0.35 -12.83 -12.26
CA TRP A 223 0.21 -13.56 -11.14
C TRP A 223 -0.76 -13.55 -9.96
N ILE A 224 -1.37 -12.39 -9.69
CA ILE A 224 -2.35 -12.30 -8.62
C ILE A 224 -3.52 -13.23 -8.88
N GLN A 225 -4.09 -13.17 -10.09
CA GLN A 225 -5.27 -13.97 -10.38
C GLN A 225 -4.97 -15.46 -10.40
N GLN A 226 -3.80 -15.86 -10.92
CA GLN A 226 -3.40 -17.26 -10.87
C GLN A 226 -3.22 -17.74 -9.44
N THR A 227 -2.61 -16.91 -8.59
CA THR A 227 -2.33 -17.34 -7.23
C THR A 227 -3.62 -17.47 -6.42
N ILE A 228 -4.56 -16.54 -6.59
CA ILE A 228 -5.85 -16.65 -5.91
C ILE A 228 -6.56 -17.91 -6.35
N ALA A 229 -6.51 -18.21 -7.65
CA ALA A 229 -7.22 -19.37 -8.16
C ALA A 229 -6.64 -20.67 -7.61
N ALA A 230 -5.35 -20.70 -7.33
CA ALA A 230 -4.68 -21.92 -6.94
C ALA A 230 -4.67 -22.17 -5.44
N ASN A 231 -5.09 -21.20 -4.64
CA ASN A 231 -4.85 -21.30 -3.22
C ASN A 231 -6.04 -21.02 -2.35
#